data_3HJQ
#
_entry.id   3HJQ
#
_cell.length_a   88.938
_cell.length_b   37.585
_cell.length_c   74.810
_cell.angle_alpha   90.00
_cell.angle_beta   94.96
_cell.angle_gamma   90.00
#
_symmetry.space_group_name_H-M   'C 1 2 1'
#
loop_
_entity.id
_entity.type
_entity.pdbx_description
1 polymer 'Catechol 1,2-dioxygenase'
2 non-polymer 'FE (III) ION'
3 non-polymer '(4S,7R)-4-HYDROXY-N,N,N-TRIMETHYL-9-OXO-7-[(PALMITOYLOXY)METHYL]-3,5,8-TRIOXA-4-PHOSPHAHEXACOSAN-1-AMINIUM 4-OXIDE'
4 non-polymer 3-METHYLCATECHOL
5 water water
#
_entity_poly.entity_id   1
_entity_poly.type   'polypeptide(L)'
_entity_poly.pdbx_seq_one_letter_code
;MTTTESPTAAGSGSAATDKFKAERATADTSPERLAAIAKDALGALNDVILKHGVTYPEYRVFKQWLIDVGEGGEWPLFLD
VFIEHSVEEVLARSRKGTMGSIEGPYYIENSPELPSKCTLPMREEDEKITPLVFSGQVTDLDGNGLAGAKVELWHADNDG
YYSQFAPHLPEWNLRGTIIADEEGRYEITTIQPAPYQIPTDGPTGQFIEAQNGHPWRPAHLHLIVSAPGKESVTTQLYFK
GGEWIDSDVASATKPELILDPKTGDDGKNYVTYNFVLDPA
;
_entity_poly.pdbx_strand_id   A
#
loop_
_chem_comp.id
_chem_comp.type
_chem_comp.name
_chem_comp.formula
6PL non-polymer '(4S,7R)-4-HYDROXY-N,N,N-TRIMETHYL-9-OXO-7-[(PALMITOYLOXY)METHYL]-3,5,8-TRIOXA-4-PHOSPHAHEXACOSAN-1-AMINIUM 4-OXIDE' 'C42 H85 N O8 P 1'
FE non-polymer 'FE (III) ION' 'Fe 3'
MBD non-polymer 3-METHYLCATECHOL 'C7 H8 O2'
#
# COMPACT_ATOMS: atom_id res chain seq x y z
N ALA A 25 -10.40 -14.78 -10.31
CA ALA A 25 -10.91 -14.03 -9.13
C ALA A 25 -12.34 -14.46 -8.78
N THR A 26 -12.50 -15.13 -7.65
CA THR A 26 -13.81 -15.65 -7.25
C THR A 26 -14.14 -15.28 -5.81
N ALA A 27 -15.42 -15.27 -5.48
CA ALA A 27 -15.89 -15.24 -4.12
C ALA A 27 -17.01 -16.26 -4.04
N ASP A 28 -17.51 -16.55 -2.85
CA ASP A 28 -18.70 -17.39 -2.84
C ASP A 28 -19.88 -16.65 -2.24
N THR A 29 -19.99 -15.39 -2.60
CA THR A 29 -21.12 -14.58 -2.21
C THR A 29 -22.41 -15.21 -2.75
N SER A 30 -23.42 -15.23 -1.89
CA SER A 30 -24.70 -15.80 -2.26
C SER A 30 -25.47 -14.76 -3.05
N PRO A 31 -26.42 -15.21 -3.89
CA PRO A 31 -27.19 -14.23 -4.67
C PRO A 31 -27.93 -13.24 -3.77
N GLU A 32 -28.28 -13.69 -2.58
CA GLU A 32 -29.07 -12.93 -1.62
C GLU A 32 -28.21 -11.84 -0.98
N ARG A 33 -26.96 -12.18 -0.78
CA ARG A 33 -26.02 -11.23 -0.20
C ARG A 33 -25.62 -10.19 -1.27
N LEU A 34 -25.36 -10.64 -2.51
CA LEU A 34 -25.14 -9.70 -3.67
C LEU A 34 -26.34 -8.78 -3.87
N ALA A 35 -27.56 -9.33 -3.71
CA ALA A 35 -28.81 -8.60 -3.83
C ALA A 35 -28.92 -7.52 -2.77
N ALA A 36 -28.65 -7.83 -1.51
CA ALA A 36 -28.64 -6.80 -0.44
C ALA A 36 -27.54 -5.76 -0.69
N ILE A 37 -26.38 -6.16 -1.21
CA ILE A 37 -25.28 -5.20 -1.38
C ILE A 37 -25.56 -4.23 -2.50
N ALA A 38 -25.99 -4.80 -3.63
CA ALA A 38 -26.24 -4.05 -4.87
C ALA A 38 -27.38 -3.08 -4.68
N LYS A 39 -28.45 -3.54 -4.03
CA LYS A 39 -29.56 -2.66 -3.65
C LYS A 39 -29.12 -1.44 -2.81
N ASP A 40 -28.40 -1.61 -1.71
CA ASP A 40 -27.95 -0.39 -1.04
C ASP A 40 -26.77 0.34 -1.68
N ALA A 41 -25.91 -0.36 -2.40
CA ALA A 41 -24.98 0.38 -3.25
C ALA A 41 -25.70 1.24 -4.33
N LEU A 42 -26.70 0.69 -5.03
CA LEU A 42 -27.43 1.46 -6.10
C LEU A 42 -28.30 2.50 -5.48
N GLY A 43 -28.99 2.11 -4.40
CA GLY A 43 -29.73 3.05 -3.53
C GLY A 43 -28.88 4.24 -3.12
N ALA A 44 -27.63 3.95 -2.70
CA ALA A 44 -26.63 4.94 -2.29
C ALA A 44 -26.37 5.97 -3.36
N LEU A 45 -26.00 5.51 -4.55
CA LEU A 45 -25.61 6.44 -5.62
C LEU A 45 -26.82 7.22 -6.07
N ASN A 46 -27.89 6.48 -6.29
CA ASN A 46 -29.15 7.08 -6.64
C ASN A 46 -29.58 8.17 -5.64
N ASP A 47 -29.32 7.96 -4.35
CA ASP A 47 -29.54 9.01 -3.35
C ASP A 47 -28.58 10.18 -3.42
N VAL A 48 -27.32 9.94 -3.78
CA VAL A 48 -26.44 11.08 -3.96
C VAL A 48 -26.98 11.96 -5.11
N ILE A 49 -27.30 11.32 -6.24
CA ILE A 49 -27.82 12.02 -7.44
C ILE A 49 -29.04 12.85 -7.10
N LEU A 50 -29.92 12.30 -6.27
CA LEU A 50 -31.11 13.02 -5.80
C LEU A 50 -30.74 14.16 -4.85
N LYS A 51 -29.79 13.91 -3.94
CA LYS A 51 -29.37 14.98 -2.97
C LYS A 51 -28.81 16.21 -3.68
N HIS A 52 -27.90 16.02 -4.65
CA HIS A 52 -27.25 17.22 -5.26
C HIS A 52 -27.85 17.74 -6.59
N GLY A 53 -28.95 17.16 -7.03
CA GLY A 53 -29.55 17.54 -8.31
C GLY A 53 -28.64 17.35 -9.53
N VAL A 54 -27.90 16.23 -9.56
CA VAL A 54 -27.01 15.91 -10.72
C VAL A 54 -27.82 16.05 -12.01
N THR A 55 -27.22 16.68 -13.01
CA THR A 55 -27.99 17.04 -14.16
C THR A 55 -27.68 16.04 -15.28
N TYR A 56 -28.46 16.06 -16.38
CA TYR A 56 -28.10 15.31 -17.59
C TYR A 56 -26.71 15.59 -18.18
N PRO A 57 -26.30 16.87 -18.28
CA PRO A 57 -24.92 16.96 -18.74
C PRO A 57 -23.86 16.36 -17.76
N GLU A 58 -24.00 16.58 -16.45
CA GLU A 58 -23.14 15.91 -15.45
C GLU A 58 -23.16 14.38 -15.64
N TYR A 59 -24.36 13.84 -15.85
CA TYR A 59 -24.52 12.41 -16.12
C TYR A 59 -23.72 11.91 -17.33
N ARG A 60 -23.76 12.68 -18.40
CA ARG A 60 -23.04 12.36 -19.62
C ARG A 60 -21.55 12.45 -19.37
N VAL A 61 -21.10 13.47 -18.62
CA VAL A 61 -19.67 13.56 -18.26
C VAL A 61 -19.28 12.29 -17.46
N PHE A 62 -20.09 11.95 -16.48
CA PHE A 62 -19.81 10.81 -15.65
C PHE A 62 -19.77 9.52 -16.48
N LYS A 63 -20.73 9.29 -17.36
CA LYS A 63 -20.62 8.17 -18.28
C LYS A 63 -19.30 8.15 -19.08
N GLN A 64 -18.88 9.26 -19.68
CA GLN A 64 -17.62 9.26 -20.47
C GLN A 64 -16.38 8.94 -19.64
N TRP A 65 -16.33 9.54 -18.47
CA TRP A 65 -15.21 9.33 -17.57
C TRP A 65 -15.08 7.84 -17.16
N LEU A 66 -16.20 7.20 -16.92
CA LEU A 66 -16.17 5.78 -16.55
C LEU A 66 -15.54 4.99 -17.73
N ILE A 67 -15.95 5.32 -18.95
CA ILE A 67 -15.42 4.68 -20.14
C ILE A 67 -13.93 4.92 -20.22
N ASP A 68 -13.53 6.18 -20.05
CA ASP A 68 -12.14 6.56 -20.05
C ASP A 68 -11.37 5.83 -18.95
N VAL A 69 -11.92 5.70 -17.74
CA VAL A 69 -11.23 4.95 -16.72
C VAL A 69 -10.82 3.55 -17.23
N GLY A 70 -11.77 2.83 -17.82
CA GLY A 70 -11.46 1.50 -18.40
C GLY A 70 -10.48 1.55 -19.56
N GLU A 71 -10.69 2.49 -20.49
CA GLU A 71 -9.79 2.59 -21.65
C GLU A 71 -8.37 3.00 -21.20
N GLY A 72 -8.25 3.70 -20.09
CA GLY A 72 -6.96 4.07 -19.51
C GLY A 72 -6.33 2.99 -18.65
N GLY A 73 -6.95 1.81 -18.54
CA GLY A 73 -6.47 0.76 -17.65
C GLY A 73 -6.32 1.19 -16.19
N GLU A 74 -7.19 2.10 -15.73
CA GLU A 74 -7.07 2.66 -14.39
C GLU A 74 -8.05 2.21 -13.32
N TRP A 75 -8.71 1.08 -13.52
CA TRP A 75 -9.62 0.58 -12.47
C TRP A 75 -8.90 0.18 -11.15
N PRO A 76 -7.80 -0.57 -11.19
CA PRO A 76 -6.92 -0.83 -10.02
C PRO A 76 -6.41 0.47 -9.34
N LEU A 77 -5.75 1.32 -10.09
CA LEU A 77 -5.47 2.67 -9.59
C LEU A 77 -6.68 3.27 -8.86
N PHE A 78 -7.82 3.43 -9.54
CA PHE A 78 -8.87 4.28 -8.98
C PHE A 78 -9.46 3.65 -7.74
N LEU A 79 -9.66 2.35 -7.82
CA LEU A 79 -10.31 1.67 -6.73
C LEU A 79 -9.38 1.49 -5.54
N ASP A 80 -8.10 1.21 -5.77
CA ASP A 80 -7.16 1.12 -4.64
C ASP A 80 -7.02 2.48 -3.90
N VAL A 81 -7.03 3.59 -4.64
CA VAL A 81 -6.94 4.91 -4.00
C VAL A 81 -8.24 5.26 -3.28
N PHE A 82 -9.39 5.04 -3.92
CA PHE A 82 -10.63 5.63 -3.34
C PHE A 82 -11.57 4.71 -2.57
N ILE A 83 -11.33 3.40 -2.68
CA ILE A 83 -12.24 2.38 -2.11
C ILE A 83 -11.56 1.36 -1.20
N GLU A 84 -10.37 0.86 -1.60
CA GLU A 84 -9.77 -0.28 -0.86
C GLU A 84 -9.62 -0.01 0.65
N HIS A 85 -9.54 1.26 1.06
CA HIS A 85 -9.35 1.59 2.48
C HIS A 85 -10.51 1.17 3.36
N SER A 86 -11.70 1.11 2.79
CA SER A 86 -12.90 0.60 3.50
C SER A 86 -12.88 -0.91 3.62
N VAL A 87 -12.34 -1.60 2.60
CA VAL A 87 -12.20 -3.05 2.57
C VAL A 87 -11.13 -3.51 3.55
N GLU A 88 -10.04 -2.73 3.70
CA GLU A 88 -9.08 -2.99 4.77
C GLU A 88 -9.71 -2.68 6.15
N GLU A 89 -10.45 -1.60 6.27
CA GLU A 89 -11.12 -1.33 7.56
C GLU A 89 -12.10 -2.43 8.03
N VAL A 90 -12.70 -3.17 7.09
CA VAL A 90 -13.47 -4.39 7.38
C VAL A 90 -12.62 -5.51 7.96
N LEU A 91 -11.57 -5.88 7.23
CA LEU A 91 -10.60 -6.88 7.66
C LEU A 91 -10.00 -6.54 9.00
N ALA A 92 -9.69 -5.25 9.19
CA ALA A 92 -9.14 -4.72 10.46
C ALA A 92 -9.99 -5.04 11.71
N ARG A 93 -11.28 -5.31 11.51
CA ARG A 93 -12.19 -5.61 12.63
C ARG A 93 -11.93 -6.95 13.28
N SER A 94 -11.39 -7.90 12.51
CA SER A 94 -11.19 -9.27 12.99
C SER A 94 -9.75 -9.63 13.32
N ARG A 95 -8.86 -8.65 13.19
CA ARG A 95 -7.42 -8.89 13.37
C ARG A 95 -6.92 -8.26 14.65
N LYS A 96 -6.10 -8.99 15.39
CA LYS A 96 -5.56 -8.42 16.63
C LYS A 96 -4.10 -8.08 16.51
N GLY A 97 -3.44 -8.54 15.43
CA GLY A 97 -2.03 -8.20 15.18
C GLY A 97 -1.77 -6.77 14.71
N THR A 98 -0.62 -6.57 14.06
CA THR A 98 -0.22 -5.25 13.51
C THR A 98 -1.27 -4.70 12.56
N MET A 99 -1.56 -3.40 12.69
CA MET A 99 -2.44 -2.71 11.76
C MET A 99 -2.09 -2.98 10.31
N GLY A 100 -3.11 -3.27 9.52
CA GLY A 100 -2.94 -3.43 8.09
C GLY A 100 -3.16 -2.10 7.42
N SER A 101 -2.92 -2.06 6.12
CA SER A 101 -3.22 -0.93 5.28
C SER A 101 -3.53 -1.50 3.89
N ILE A 102 -3.91 -0.63 2.97
CA ILE A 102 -4.22 -1.12 1.62
C ILE A 102 -3.00 -1.68 0.91
N GLU A 103 -3.20 -2.63 -0.02
CA GLU A 103 -2.12 -3.23 -0.78
C GLU A 103 -1.65 -2.26 -1.87
N GLY A 104 -2.57 -1.47 -2.44
CA GLY A 104 -2.30 -0.67 -3.61
C GLY A 104 -2.12 -1.54 -4.87
N PRO A 105 -1.91 -0.92 -6.04
CA PRO A 105 -1.95 -1.68 -7.31
C PRO A 105 -0.62 -2.24 -7.78
N TYR A 106 0.40 -2.11 -6.94
CA TYR A 106 1.76 -2.38 -7.38
C TYR A 106 2.45 -3.57 -6.77
N TYR A 107 1.71 -4.39 -6.03
CA TYR A 107 2.28 -5.58 -5.50
C TYR A 107 2.60 -6.57 -6.64
N ILE A 108 3.78 -7.16 -6.63
CA ILE A 108 4.05 -8.30 -7.51
C ILE A 108 4.45 -9.57 -6.73
N GLU A 109 3.78 -10.68 -6.98
CA GLU A 109 4.12 -11.92 -6.24
C GLU A 109 5.53 -12.42 -6.61
N ASN A 110 6.12 -13.27 -5.78
CA ASN A 110 7.38 -13.95 -6.09
C ASN A 110 8.63 -13.12 -6.35
N SER A 111 8.68 -11.95 -5.71
CA SER A 111 9.92 -11.18 -5.67
C SER A 111 11.02 -12.07 -5.10
N PRO A 112 12.27 -11.87 -5.58
CA PRO A 112 13.36 -12.78 -5.19
C PRO A 112 13.63 -12.78 -3.71
N GLU A 113 13.84 -13.98 -3.15
CA GLU A 113 14.16 -14.16 -1.74
C GLU A 113 15.54 -13.63 -1.36
N LEU A 114 15.64 -13.04 -0.17
CA LEU A 114 16.91 -12.45 0.27
C LEU A 114 17.11 -13.01 1.67
N PRO A 115 18.34 -12.92 2.20
CA PRO A 115 18.53 -13.44 3.56
C PRO A 115 18.04 -12.45 4.61
N SER A 116 18.04 -12.90 5.88
CA SER A 116 17.46 -12.17 6.99
C SER A 116 18.04 -10.76 7.18
N LYS A 117 19.35 -10.61 6.94
CA LYS A 117 19.96 -9.30 6.86
C LYS A 117 20.39 -9.16 5.42
N CYS A 118 19.92 -8.12 4.74
CA CYS A 118 20.10 -7.97 3.30
C CYS A 118 19.95 -6.51 2.95
N THR A 119 20.24 -6.19 1.71
CA THR A 119 19.92 -4.91 1.07
C THR A 119 18.91 -5.27 -0.01
N LEU A 120 17.90 -4.43 -0.23
CA LEU A 120 17.02 -4.61 -1.39
C LEU A 120 17.77 -4.26 -2.69
N PRO A 121 17.46 -4.96 -3.81
CA PRO A 121 18.14 -4.67 -5.07
C PRO A 121 17.82 -3.26 -5.52
N MET A 122 18.83 -2.55 -6.00
CA MET A 122 18.66 -1.16 -6.43
C MET A 122 19.67 -0.74 -7.49
N ARG A 123 19.38 0.34 -8.21
CA ARG A 123 20.28 0.84 -9.26
C ARG A 123 21.37 1.70 -8.63
N GLU A 124 22.40 2.02 -9.41
CA GLU A 124 23.45 2.94 -8.99
C GLU A 124 22.87 4.31 -8.63
N GLU A 125 21.86 4.76 -9.38
CA GLU A 125 21.08 5.95 -9.01
C GLU A 125 20.64 5.83 -7.56
N ASP A 126 19.97 4.73 -7.25
CA ASP A 126 19.36 4.51 -5.95
C ASP A 126 20.34 4.68 -4.81
N GLU A 127 21.61 4.40 -5.08
CA GLU A 127 22.64 4.45 -4.03
C GLU A 127 23.02 5.88 -3.56
N LYS A 128 22.51 6.88 -4.26
CA LYS A 128 22.81 8.26 -3.97
C LYS A 128 21.92 8.77 -2.85
N ILE A 129 20.92 7.98 -2.48
CA ILE A 129 19.87 8.39 -1.52
C ILE A 129 20.19 7.90 -0.12
N THR A 130 19.79 8.67 0.89
CA THR A 130 19.96 8.25 2.25
C THR A 130 19.47 6.83 2.43
N PRO A 131 20.35 5.95 2.95
CA PRO A 131 19.92 4.60 3.25
C PRO A 131 18.89 4.62 4.37
N LEU A 132 17.96 3.66 4.32
CA LEU A 132 17.05 3.42 5.44
C LEU A 132 17.31 2.00 5.97
N VAL A 133 17.58 1.84 7.27
CA VAL A 133 17.89 0.52 7.81
C VAL A 133 16.71 0.12 8.70
N PHE A 134 16.06 -0.97 8.32
CA PHE A 134 14.79 -1.32 8.84
C PHE A 134 14.91 -2.67 9.57
N SER A 135 14.78 -2.64 10.91
CA SER A 135 15.01 -3.85 11.73
C SER A 135 13.77 -4.23 12.45
N GLY A 136 13.66 -5.48 12.87
CA GLY A 136 12.55 -5.84 13.72
C GLY A 136 12.40 -7.34 13.79
N GLN A 137 11.26 -7.79 14.29
CA GLN A 137 11.02 -9.18 14.45
C GLN A 137 9.55 -9.49 14.16
N VAL A 138 9.30 -10.57 13.45
CA VAL A 138 7.97 -11.10 13.31
C VAL A 138 7.65 -12.05 14.49
N THR A 139 6.53 -11.77 15.15
CA THR A 139 6.11 -12.51 16.34
C THR A 139 4.63 -12.86 16.23
N ASP A 140 4.12 -13.68 17.17
CA ASP A 140 2.69 -13.94 17.31
C ASP A 140 2.08 -12.94 18.27
N LEU A 141 0.81 -13.12 18.59
CA LEU A 141 0.06 -12.30 19.57
C LEU A 141 0.63 -12.20 20.99
N ASP A 142 1.31 -13.26 21.44
CA ASP A 142 1.87 -13.25 22.78
C ASP A 142 3.28 -12.62 22.77
N GLY A 143 3.89 -12.57 21.60
CA GLY A 143 5.18 -11.90 21.46
C GLY A 143 6.30 -12.89 21.26
N ASN A 144 5.95 -14.15 21.04
CA ASN A 144 6.95 -15.15 20.62
C ASN A 144 7.45 -14.93 19.19
N GLY A 145 8.78 -14.87 19.02
CA GLY A 145 9.42 -14.80 17.67
C GLY A 145 9.07 -15.95 16.74
N LEU A 146 9.08 -15.70 15.43
CA LEU A 146 8.61 -16.69 14.43
C LEU A 146 9.64 -17.09 13.38
N ALA A 147 10.10 -18.33 13.45
CA ALA A 147 10.90 -18.93 12.39
C ALA A 147 10.03 -19.26 11.15
N GLY A 148 10.64 -19.34 9.97
CA GLY A 148 9.88 -19.52 8.72
C GLY A 148 9.23 -18.24 8.15
N ALA A 149 9.45 -17.08 8.81
CA ALA A 149 8.68 -15.87 8.54
C ALA A 149 9.25 -15.11 7.34
N LYS A 150 8.35 -14.52 6.54
CA LYS A 150 8.75 -13.77 5.34
C LYS A 150 8.23 -12.35 5.40
N VAL A 151 9.06 -11.40 4.99
CA VAL A 151 8.63 -10.03 4.76
C VAL A 151 8.76 -9.72 3.27
N GLU A 152 7.62 -9.52 2.61
CA GLU A 152 7.65 -9.04 1.24
C GLU A 152 7.58 -7.52 1.31
N LEU A 153 8.62 -6.90 0.77
CA LEU A 153 8.74 -5.46 0.81
C LEU A 153 8.79 -4.95 -0.61
N TRP A 154 8.09 -3.84 -0.86
CA TRP A 154 8.19 -3.10 -2.15
C TRP A 154 7.80 -1.65 -1.94
N HIS A 155 8.49 -0.77 -2.67
CA HIS A 155 8.20 0.63 -2.57
C HIS A 155 8.76 1.34 -3.80
N ALA A 156 8.34 2.56 -4.01
CA ALA A 156 8.83 3.41 -5.12
C ALA A 156 10.23 3.97 -4.92
N ASP A 157 10.91 4.29 -6.03
CA ASP A 157 12.20 4.90 -5.89
C ASP A 157 12.01 6.42 -5.69
N ASN A 158 13.11 7.13 -5.45
CA ASN A 158 13.13 8.58 -5.28
C ASN A 158 12.49 9.38 -6.40
N ASP A 159 12.28 8.76 -7.56
CA ASP A 159 11.52 9.39 -8.62
C ASP A 159 10.01 9.08 -8.65
N GLY A 160 9.49 8.37 -7.64
CA GLY A 160 8.06 8.02 -7.62
C GLY A 160 7.63 6.92 -8.59
N TYR A 161 8.57 6.07 -9.03
CA TYR A 161 8.30 4.99 -9.96
C TYR A 161 8.41 3.68 -9.21
N TYR A 162 7.61 2.70 -9.62
CA TYR A 162 7.71 1.31 -9.12
C TYR A 162 8.22 0.43 -10.24
N SER A 163 9.15 -0.47 -9.91
CA SER A 163 9.66 -1.43 -10.83
C SER A 163 8.50 -2.27 -11.41
N GLN A 164 8.57 -2.47 -12.72
CA GLN A 164 7.56 -3.21 -13.47
C GLN A 164 6.36 -2.35 -13.78
N PHE A 165 6.41 -1.08 -13.36
CA PHE A 165 5.34 -0.12 -13.67
C PHE A 165 6.06 1.09 -14.30
N ALA A 166 7.24 0.82 -14.84
CA ALA A 166 8.12 1.83 -15.43
C ALA A 166 9.22 1.14 -16.26
N PRO A 167 9.17 1.29 -17.59
CA PRO A 167 10.11 0.55 -18.47
C PRO A 167 11.61 0.67 -18.22
N HIS A 168 12.07 1.67 -17.49
CA HIS A 168 13.50 1.90 -17.28
C HIS A 168 14.11 1.25 -16.05
N LEU A 169 13.28 0.71 -15.17
CA LEU A 169 13.77 0.09 -13.94
C LEU A 169 13.93 -1.41 -14.10
N PRO A 170 15.02 -1.96 -13.52
CA PRO A 170 15.16 -3.39 -13.34
C PRO A 170 13.92 -3.95 -12.71
N GLU A 171 13.55 -5.18 -13.11
CA GLU A 171 12.24 -5.74 -12.79
C GLU A 171 11.97 -5.90 -11.27
N TRP A 172 13.02 -6.07 -10.48
CA TRP A 172 12.91 -6.19 -9.01
C TRP A 172 13.55 -5.03 -8.21
N ASN A 173 13.69 -3.87 -8.83
CA ASN A 173 14.15 -2.71 -8.09
C ASN A 173 13.27 -2.47 -6.81
N LEU A 174 13.93 -2.38 -5.66
CA LEU A 174 13.22 -2.06 -4.42
C LEU A 174 12.04 -3.02 -4.20
N ARG A 175 12.24 -4.31 -4.54
CA ARG A 175 11.28 -5.41 -4.31
C ARG A 175 12.05 -6.62 -3.81
N GLY A 176 11.46 -7.42 -2.94
CA GLY A 176 12.17 -8.58 -2.42
C GLY A 176 11.40 -9.31 -1.37
N THR A 177 11.75 -10.58 -1.15
CA THR A 177 11.12 -11.40 -0.12
C THR A 177 12.13 -11.80 0.99
N ILE A 178 12.14 -11.08 2.11
CA ILE A 178 13.15 -11.30 3.12
C ILE A 178 12.77 -12.50 3.98
N ILE A 179 13.70 -13.43 4.13
CA ILE A 179 13.47 -14.62 4.96
C ILE A 179 13.96 -14.28 6.39
N ALA A 180 13.07 -14.16 7.34
CA ALA A 180 13.53 -13.85 8.70
C ALA A 180 14.26 -15.05 9.32
N ASP A 181 15.24 -14.77 10.16
CA ASP A 181 16.06 -15.83 10.74
C ASP A 181 15.22 -16.68 11.71
N GLU A 182 15.76 -17.81 12.15
CA GLU A 182 15.10 -18.69 13.17
C GLU A 182 14.29 -18.01 14.30
N GLU A 183 14.71 -16.81 14.73
CA GLU A 183 13.97 -16.01 15.73
C GLU A 183 12.92 -15.09 15.10
N GLY A 184 12.89 -15.05 13.78
CA GLY A 184 11.95 -14.17 13.09
C GLY A 184 12.40 -12.73 13.00
N ARG A 185 13.71 -12.54 12.92
CA ARG A 185 14.35 -11.22 12.83
C ARG A 185 14.80 -10.88 11.41
N TYR A 186 14.91 -9.59 11.11
CA TYR A 186 15.36 -9.13 9.79
C TYR A 186 16.06 -7.80 9.95
N GLU A 187 17.06 -7.55 9.14
CA GLU A 187 17.62 -6.23 9.08
C GLU A 187 17.76 -5.94 7.61
N ILE A 188 16.90 -5.05 7.15
CA ILE A 188 16.75 -4.76 5.71
C ILE A 188 17.11 -3.31 5.45
N THR A 189 18.06 -3.15 4.56
CA THR A 189 18.57 -1.87 4.18
C THR A 189 17.95 -1.56 2.84
N THR A 190 17.51 -0.31 2.70
CA THR A 190 16.92 0.18 1.50
C THR A 190 17.21 1.68 1.33
N ILE A 191 16.49 2.34 0.44
CA ILE A 191 16.50 3.79 0.42
C ILE A 191 15.27 4.31 1.16
N GLN A 192 15.41 5.54 1.61
CA GLN A 192 14.37 6.29 2.30
C GLN A 192 13.38 6.63 1.20
N PRO A 193 12.15 6.11 1.28
CA PRO A 193 11.19 6.40 0.21
C PRO A 193 10.82 7.89 0.30
N ALA A 194 10.34 8.43 -0.82
CA ALA A 194 9.90 9.85 -0.97
C ALA A 194 8.38 9.96 -1.33
N PRO A 195 7.75 11.14 -1.06
CA PRO A 195 6.32 11.28 -1.40
C PRO A 195 6.07 10.85 -2.83
N TYR A 196 4.99 10.12 -3.05
CA TYR A 196 4.72 9.61 -4.36
C TYR A 196 3.44 10.27 -4.95
N GLN A 197 3.57 10.74 -6.18
CA GLN A 197 2.46 11.29 -6.89
C GLN A 197 1.80 10.20 -7.70
N ILE A 198 0.50 10.05 -7.56
CA ILE A 198 -0.19 9.11 -8.43
C ILE A 198 -0.19 9.61 -9.90
N PRO A 199 -0.33 8.69 -10.87
CA PRO A 199 -0.41 9.13 -12.25
C PRO A 199 -1.55 10.09 -12.38
N THR A 200 -1.35 11.18 -13.11
CA THR A 200 -2.38 12.21 -13.23
C THR A 200 -2.76 12.59 -14.66
N ASP A 201 -2.07 12.05 -15.66
CA ASP A 201 -2.39 12.41 -17.03
C ASP A 201 -3.46 11.47 -17.56
N GLY A 202 -4.25 10.88 -16.64
CA GLY A 202 -5.32 9.93 -16.97
C GLY A 202 -6.65 10.35 -16.29
N PRO A 203 -7.71 9.55 -16.48
CA PRO A 203 -9.00 9.86 -15.89
C PRO A 203 -8.97 9.97 -14.36
N THR A 204 -8.04 9.28 -13.69
CA THR A 204 -8.01 9.39 -12.22
C THR A 204 -7.46 10.75 -11.81
N GLY A 205 -6.37 11.18 -12.43
CA GLY A 205 -5.82 12.49 -12.09
C GLY A 205 -6.76 13.63 -12.51
N GLN A 206 -7.46 13.44 -13.64
CA GLN A 206 -8.46 14.40 -14.15
C GLN A 206 -9.60 14.56 -13.15
N PHE A 207 -9.96 13.47 -12.47
CA PHE A 207 -11.00 13.44 -11.42
C PHE A 207 -10.60 14.26 -10.21
N ILE A 208 -9.32 14.14 -9.82
CA ILE A 208 -8.75 14.90 -8.70
C ILE A 208 -8.54 16.37 -9.11
N GLU A 209 -8.05 16.62 -10.31
CA GLU A 209 -7.90 18.00 -10.83
C GLU A 209 -9.20 18.81 -10.88
N ALA A 210 -10.26 18.19 -11.41
CA ALA A 210 -11.57 18.80 -11.52
C ALA A 210 -12.22 19.16 -10.18
N GLN A 211 -11.81 18.54 -9.07
CA GLN A 211 -12.34 18.93 -7.75
C GLN A 211 -11.35 19.72 -6.87
N ASN A 212 -10.29 20.26 -7.48
CA ASN A 212 -9.20 20.98 -6.77
C ASN A 212 -8.60 20.15 -5.62
N GLY A 213 -8.54 18.82 -5.79
CA GLY A 213 -7.77 17.97 -4.85
C GLY A 213 -6.29 17.91 -5.19
N HIS A 214 -5.57 17.05 -4.51
CA HIS A 214 -4.16 16.87 -4.82
C HIS A 214 -3.85 15.38 -5.03
N PRO A 215 -2.92 15.03 -5.91
CA PRO A 215 -2.73 13.61 -6.23
C PRO A 215 -1.59 12.93 -5.49
N TRP A 216 -1.32 13.34 -4.26
CA TRP A 216 -0.14 12.89 -3.49
C TRP A 216 -0.41 11.82 -2.43
N ARG A 217 0.50 10.84 -2.35
CA ARG A 217 0.59 9.92 -1.19
C ARG A 217 1.84 10.28 -0.38
N PRO A 218 1.76 10.17 0.96
CA PRO A 218 2.91 10.31 1.85
C PRO A 218 3.98 9.33 1.42
N ALA A 219 5.25 9.58 1.80
CA ALA A 219 6.30 8.55 1.52
C ALA A 219 5.92 7.30 2.31
N HIS A 220 6.20 6.11 1.76
CA HIS A 220 5.75 4.84 2.36
C HIS A 220 6.45 3.55 1.89
N LEU A 221 6.49 2.56 2.78
CA LEU A 221 6.91 1.21 2.39
C LEU A 221 5.68 0.31 2.33
N HIS A 222 5.61 -0.58 1.34
CA HIS A 222 4.55 -1.62 1.36
C HIS A 222 5.12 -2.96 1.85
N LEU A 223 4.34 -3.73 2.61
CA LEU A 223 4.86 -4.97 3.19
C LEU A 223 3.78 -6.02 3.26
N ILE A 224 4.11 -7.25 2.83
CA ILE A 224 3.31 -8.45 3.22
C ILE A 224 4.14 -9.38 4.13
N VAL A 225 3.66 -9.59 5.36
CA VAL A 225 4.40 -10.33 6.37
C VAL A 225 3.65 -11.63 6.69
N SER A 226 4.36 -12.76 6.64
CA SER A 226 3.76 -14.12 6.66
C SER A 226 4.49 -15.06 7.62
N ALA A 227 3.82 -16.10 8.10
CA ALA A 227 4.50 -17.17 8.86
C ALA A 227 3.66 -18.44 8.87
N PRO A 228 4.33 -19.60 8.99
CA PRO A 228 3.52 -20.85 8.96
C PRO A 228 2.47 -20.92 10.07
N GLY A 229 1.21 -21.11 9.69
CA GLY A 229 0.10 -21.16 10.67
C GLY A 229 -0.47 -19.79 10.97
N LYS A 230 0.12 -18.76 10.41
CA LYS A 230 -0.40 -17.43 10.67
C LYS A 230 -1.18 -16.89 9.49
N GLU A 231 -2.09 -15.98 9.78
CA GLU A 231 -2.75 -15.19 8.77
C GLU A 231 -1.77 -14.07 8.39
N SER A 232 -1.40 -14.01 7.11
CA SER A 232 -0.60 -12.91 6.54
C SER A 232 -1.15 -11.49 6.81
N VAL A 233 -0.26 -10.51 6.94
CA VAL A 233 -0.70 -9.12 7.09
C VAL A 233 -0.16 -8.27 5.96
N THR A 234 -1.02 -7.47 5.36
CA THR A 234 -0.64 -6.51 4.31
C THR A 234 -0.71 -5.14 4.94
N THR A 235 0.39 -4.41 4.88
CA THR A 235 0.48 -3.14 5.56
C THR A 235 1.35 -2.14 4.81
N GLN A 236 1.44 -0.94 5.37
CA GLN A 236 2.33 0.10 4.85
C GLN A 236 2.92 0.81 6.04
N LEU A 237 4.11 1.40 5.86
CA LEU A 237 4.69 2.26 6.90
C LEU A 237 5.07 3.63 6.36
N TYR A 238 4.89 4.64 7.17
CA TYR A 238 5.10 6.02 6.72
C TYR A 238 6.15 6.65 7.65
N PHE A 239 6.47 7.92 7.44
CA PHE A 239 7.61 8.52 8.14
C PHE A 239 7.21 9.79 8.87
N LYS A 240 7.53 9.85 10.17
CA LYS A 240 7.04 10.94 11.06
C LYS A 240 7.32 12.31 10.43
N GLY A 241 6.40 13.26 10.47
CA GLY A 241 6.67 14.62 9.91
C GLY A 241 6.75 14.72 8.39
N GLY A 242 6.62 13.57 7.74
CA GLY A 242 6.60 13.44 6.29
C GLY A 242 5.42 14.19 5.71
N GLU A 243 5.62 14.71 4.49
CA GLU A 243 4.60 15.46 3.80
C GLU A 243 3.45 14.57 3.32
N TRP A 244 2.27 15.17 3.26
CA TRP A 244 1.00 14.50 2.91
C TRP A 244 0.56 13.45 3.86
N ILE A 245 1.18 13.38 5.02
CA ILE A 245 0.89 12.31 5.96
C ILE A 245 -0.50 12.44 6.57
N ASP A 246 -1.03 13.66 6.54
CA ASP A 246 -2.37 13.91 7.10
C ASP A 246 -3.36 14.21 5.98
N SER A 247 -2.95 14.02 4.74
CA SER A 247 -3.90 14.20 3.66
C SER A 247 -3.58 13.27 2.49
N ASP A 248 -3.36 12.02 2.79
CA ASP A 248 -3.06 11.01 1.82
C ASP A 248 -4.28 10.86 0.88
N VAL A 249 -4.07 10.98 -0.43
CA VAL A 249 -5.19 10.75 -1.34
C VAL A 249 -5.88 9.34 -1.21
N ALA A 250 -5.10 8.33 -0.82
CA ALA A 250 -5.61 6.95 -0.67
C ALA A 250 -6.24 6.73 0.68
N SER A 251 -6.20 7.76 1.55
CA SER A 251 -6.82 7.63 2.91
C SER A 251 -6.34 6.34 3.62
N ALA A 252 -5.05 6.00 3.45
CA ALA A 252 -4.48 4.74 3.96
C ALA A 252 -3.49 4.89 5.11
N THR A 253 -3.17 6.12 5.48
CA THR A 253 -2.26 6.33 6.59
C THR A 253 -2.95 6.10 7.92
N LYS A 254 -2.32 5.38 8.84
CA LYS A 254 -2.86 5.22 10.21
C LYS A 254 -1.76 5.69 11.17
N PRO A 255 -2.12 6.26 12.35
CA PRO A 255 -1.10 6.73 13.29
C PRO A 255 -0.13 5.60 13.73
N GLU A 256 -0.66 4.40 13.93
CA GLU A 256 0.13 3.27 14.37
C GLU A 256 1.27 2.91 13.41
N LEU A 257 1.16 3.35 12.15
CA LEU A 257 2.08 2.91 11.11
C LEU A 257 3.09 4.01 10.71
N ILE A 258 3.19 5.03 11.55
CA ILE A 258 4.16 6.09 11.29
C ILE A 258 5.46 5.86 12.07
N LEU A 259 6.54 5.59 11.33
CA LEU A 259 7.86 5.37 11.92
C LEU A 259 8.57 6.68 12.11
N ASP A 260 9.53 6.65 13.04
CA ASP A 260 10.31 7.81 13.41
C ASP A 260 11.74 7.37 13.42
N PRO A 261 12.35 7.29 12.24
CA PRO A 261 13.72 6.82 12.16
C PRO A 261 14.69 7.81 12.77
N LYS A 262 15.78 7.29 13.32
CA LYS A 262 16.83 8.10 13.92
C LYS A 262 17.99 8.03 13.00
N THR A 263 18.66 9.14 12.77
CA THR A 263 19.82 9.06 11.92
C THR A 263 21.13 8.88 12.65
N GLY A 264 21.97 8.00 12.12
CA GLY A 264 23.19 7.65 12.78
C GLY A 264 24.35 8.45 12.27
N ASP A 265 25.48 8.32 12.95
CA ASP A 265 26.69 9.07 12.56
C ASP A 265 27.15 8.70 11.15
N ASP A 266 26.81 7.50 10.70
CA ASP A 266 27.05 7.09 9.31
C ASP A 266 26.08 7.76 8.33
N GLY A 267 25.17 8.60 8.86
CA GLY A 267 24.17 9.30 8.04
C GLY A 267 23.04 8.42 7.47
N LYS A 268 22.90 7.17 7.95
CA LYS A 268 21.77 6.30 7.55
C LYS A 268 20.59 6.48 8.51
N ASN A 269 19.38 6.43 7.98
CA ASN A 269 18.21 6.47 8.83
C ASN A 269 17.96 5.07 9.38
N TYR A 270 17.78 4.96 10.71
CA TYR A 270 17.57 3.64 11.38
C TYR A 270 16.23 3.58 12.08
N VAL A 271 15.55 2.44 11.94
CA VAL A 271 14.21 2.28 12.53
C VAL A 271 13.92 0.80 12.91
N THR A 272 13.23 0.57 14.02
CA THR A 272 12.85 -0.80 14.38
C THR A 272 11.34 -0.86 14.38
N TYR A 273 10.79 -1.82 13.67
CA TYR A 273 9.37 -2.11 13.70
C TYR A 273 9.20 -3.62 13.70
N ASN A 274 8.40 -4.14 14.62
CA ASN A 274 8.08 -5.57 14.60
C ASN A 274 6.64 -5.84 14.12
N PHE A 275 6.43 -7.02 13.55
CA PHE A 275 5.13 -7.40 13.06
C PHE A 275 4.55 -8.50 13.95
N VAL A 276 3.26 -8.35 14.27
CA VAL A 276 2.55 -9.29 15.10
C VAL A 276 1.41 -9.90 14.30
N LEU A 277 1.46 -11.21 14.10
CA LEU A 277 0.49 -11.92 13.28
C LEU A 277 -0.61 -12.63 14.08
N ASP A 278 -1.84 -12.57 13.58
CA ASP A 278 -2.92 -13.37 14.15
C ASP A 278 -2.78 -14.80 13.67
N PRO A 279 -3.32 -15.75 14.46
CA PRO A 279 -3.42 -17.12 13.95
C PRO A 279 -4.30 -17.22 12.69
N ALA A 280 -3.83 -17.95 11.68
CA ALA A 280 -4.70 -18.38 10.55
C ALA A 280 -5.69 -19.43 11.06
FE FE B . 2.62 2.72 -2.99
C24 6PL C . -19.98 -0.63 -2.59
C23 6PL C . -19.52 -1.64 -3.61
C22 6PL C . -19.55 -3.05 -3.03
C21 6PL C . -19.19 -4.04 -4.13
C20 6PL C . -18.59 -5.32 -3.57
C19 6PL C . -19.59 -6.45 -3.68
C18 6PL C . -19.20 -7.40 -4.79
C17 6PL C . -19.77 -8.80 -4.56
C16 6PL C . -19.16 -9.74 -5.58
C15 6PL C . -19.43 -11.19 -5.25
C14 6PL C . -20.72 -11.64 -5.93
C13 6PL C . -20.44 -12.58 -7.08
C12 6PL C . -20.28 -13.99 -6.59
C11 6PL C . -19.69 -14.80 -7.71
O11 6PL C . -20.33 -15.70 -8.20
O3 6PL C . -18.35 -14.51 -8.22
C3 6PL C . -17.83 -15.61 -8.94
C2 6PL C . -17.60 -15.31 -10.42
C1 6PL C . -16.22 -15.79 -10.84
O3P 6PL C . -16.30 -17.19 -11.15
P 6PL C . -16.30 -17.35 -12.75
O2 6PL C . -17.71 -13.89 -10.66
C31 6PL C . -18.57 -13.61 -11.81
O31 6PL C . -18.15 -13.75 -12.96
C32 6PL C . -20.00 -13.16 -11.59
C33 6PL C . -20.00 -12.09 -10.50
C34 6PL C . -20.12 -10.70 -11.09
C35 6PL C . -21.00 -9.83 -10.21
C36 6PL C . -20.19 -8.85 -9.38
C37 6PL C . -20.52 -7.43 -9.79
C38 6PL C . -20.37 -6.46 -8.61
C39 6PL C . -21.73 -5.84 -8.29
C40 6PL C . -21.66 -4.69 -7.31
C41 6PL C . -21.72 -3.35 -8.07
C42 6PL C . -22.76 -2.41 -7.46
C43 6PL C . -22.93 -1.17 -8.35
C44 6PL C . -21.70 -0.25 -8.31
C45 6PL C . -21.88 0.97 -9.23
C46 6PL C . -20.85 1.01 -10.36
C47 6PL C . -21.15 2.13 -11.35
C48 6PL C . -20.63 3.45 -10.77
CA1 MBD D . 0.36 3.60 -4.47
OA1 MBD D . 1.71 3.51 -4.40
CA2 MBD D . -0.33 3.19 -3.28
OA2 MBD D . 0.45 2.73 -2.26
CA3 MBD D . -1.80 3.27 -3.27
CB3 MBD D . -2.55 2.85 -2.05
CA4 MBD D . -2.47 3.76 -4.38
CA5 MBD D . -1.75 4.18 -5.51
CA6 MBD D . -0.35 4.09 -5.56
#